data_7EEN
#
_entry.id   7EEN
#
_cell.length_a   68.867
_cell.length_b   68.867
_cell.length_c   116.016
_cell.angle_alpha   90.000
_cell.angle_beta   90.000
_cell.angle_gamma   90.000
#
_symmetry.space_group_name_H-M   'P 43 21 2'
#
loop_
_entity.id
_entity.type
_entity.pdbx_description
1 polymer 'DNA/RNA (27-MER)'
2 non-polymer 'CALCIUM ION'
3 water water
#
_entity_poly.entity_id   1
_entity_poly.type   'polydeoxyribonucleotide/polyribonucleotide hybrid'
_entity_poly.pdbx_seq_one_letter_code
;(OMU)(OMG)(OMC)(OMU)(OMC)(OMC)(OMU)(DA)(DG)(OMU)(A2M)(OMC)GAGAGGACCGGAGUG
;
_entity_poly.pdbx_strand_id   A,B,C,D
#